data_1PVZ
#
_entry.id   1PVZ
#
_cell.length_a   1.000
_cell.length_b   1.000
_cell.length_c   1.000
_cell.angle_alpha   90.00
_cell.angle_beta   90.00
_cell.angle_gamma   90.00
#
_symmetry.space_group_name_H-M   'P 1'
#
_entity_poly.entity_id   1
_entity_poly.type   'polypeptide(L)'
_entity_poly.pdbx_seq_one_letter_code
;TPFAIKCATDADCSRKCPGNPPCRNGFCACT
;
_entity_poly.pdbx_strand_id   A
#
# COMPACT_ATOMS: atom_id res chain seq x y z
N THR A 1 10.70 -7.30 -4.10
CA THR A 1 11.04 -6.65 -2.85
C THR A 1 9.82 -6.67 -1.92
N PRO A 2 9.85 -7.38 -0.78
CA PRO A 2 8.75 -7.34 0.20
C PRO A 2 8.86 -6.07 1.05
N PHE A 3 9.19 -4.94 0.41
CA PHE A 3 9.47 -3.65 1.01
C PHE A 3 9.12 -2.62 -0.06
N ALA A 4 8.32 -1.60 0.29
CA ALA A 4 7.91 -0.52 -0.60
C ALA A 4 7.27 0.58 0.26
N ILE A 5 6.21 1.21 -0.22
CA ILE A 5 5.47 2.23 0.51
C ILE A 5 4.80 1.59 1.75
N LYS A 6 5.11 2.09 2.95
CA LYS A 6 4.67 1.50 4.22
C LYS A 6 3.13 1.52 4.32
N CYS A 7 2.51 0.34 4.43
CA CYS A 7 1.06 0.19 4.42
C CYS A 7 0.55 -0.48 5.70
N ALA A 8 -0.71 -0.22 6.05
CA ALA A 8 -1.50 -1.03 6.97
C ALA A 8 -2.38 -2.00 6.15
N THR A 9 -3.34 -1.46 5.40
CA THR A 9 -4.32 -2.21 4.63
C THR A 9 -4.46 -1.62 3.22
N ASP A 10 -5.17 -2.34 2.34
CA ASP A 10 -5.76 -1.85 1.08
C ASP A 10 -6.17 -0.36 1.17
N ALA A 11 -7.09 -0.03 2.09
CA ALA A 11 -7.50 1.35 2.35
C ALA A 11 -6.29 2.28 2.51
N ASP A 12 -5.28 1.86 3.28
CA ASP A 12 -4.07 2.65 3.48
C ASP A 12 -3.32 2.78 2.15
N CYS A 13 -3.14 1.70 1.41
CA CYS A 13 -2.62 1.73 0.05
C CYS A 13 -3.29 2.90 -0.71
N SER A 14 -4.63 2.87 -0.74
CA SER A 14 -5.47 3.90 -1.34
C SER A 14 -5.11 5.30 -0.82
N ARG A 15 -4.96 5.44 0.51
CA ARG A 15 -4.60 6.69 1.18
C ARG A 15 -3.38 7.35 0.53
N LYS A 16 -2.35 6.57 0.18
CA LYS A 16 -1.19 7.14 -0.51
C LYS A 16 -1.48 7.31 -1.99
N CYS A 17 -1.97 6.25 -2.63
CA CYS A 17 -2.10 6.13 -4.08
C CYS A 17 -3.47 5.50 -4.37
N PRO A 18 -4.44 6.29 -4.87
CA PRO A 18 -5.85 5.94 -4.83
C PRO A 18 -6.19 4.77 -5.77
N GLY A 19 -7.41 4.24 -5.61
CA GLY A 19 -7.95 3.16 -6.41
C GLY A 19 -7.84 1.82 -5.69
N ASN A 20 -7.62 1.83 -4.37
CA ASN A 20 -7.54 0.64 -3.53
C ASN A 20 -6.58 -0.43 -4.07
N PRO A 21 -5.32 -0.09 -4.42
CA PRO A 21 -4.33 -1.10 -4.76
C PRO A 21 -4.09 -2.04 -3.56
N PRO A 22 -3.59 -3.26 -3.79
CA PRO A 22 -3.36 -4.23 -2.73
C PRO A 22 -2.05 -3.94 -1.98
N CYS A 23 -1.97 -4.41 -0.73
CA CYS A 23 -0.74 -4.41 0.04
C CYS A 23 -0.27 -5.85 0.22
N ARG A 24 1.05 -6.05 0.36
CA ARG A 24 1.66 -7.34 0.63
C ARG A 24 2.82 -7.09 1.60
N ASN A 25 3.01 -7.98 2.59
CA ASN A 25 3.99 -7.80 3.66
C ASN A 25 3.81 -6.44 4.35
N GLY A 26 2.56 -5.93 4.39
CA GLY A 26 2.26 -4.62 4.93
C GLY A 26 2.96 -3.48 4.18
N PHE A 27 3.21 -3.65 2.87
CA PHE A 27 3.71 -2.61 1.98
C PHE A 27 2.78 -2.51 0.78
N CYS A 28 2.48 -1.30 0.34
CA CYS A 28 1.55 -1.04 -0.75
C CYS A 28 2.20 -1.42 -2.08
N ALA A 29 1.46 -2.13 -2.94
CA ALA A 29 1.99 -2.62 -4.22
C ALA A 29 2.30 -1.48 -5.19
N CYS A 30 1.60 -0.35 -5.08
CA CYS A 30 1.80 0.78 -5.98
C CYS A 30 3.22 1.35 -5.83
N THR A 31 3.79 1.82 -6.93
CA THR A 31 5.12 2.42 -6.90
C THR A 31 5.12 3.71 -6.06
N THR A 1 13.62 8.43 2.99
CA THR A 1 12.99 7.80 1.85
C THR A 1 13.20 6.27 1.89
N PRO A 2 12.65 5.57 2.89
CA PRO A 2 12.75 4.13 2.98
C PRO A 2 11.96 3.48 1.85
N PHE A 3 12.55 2.47 1.19
CA PHE A 3 11.89 1.73 0.13
C PHE A 3 10.63 1.05 0.67
N ALA A 4 9.52 1.17 -0.08
CA ALA A 4 8.26 0.48 0.16
C ALA A 4 7.50 1.10 1.36
N ILE A 5 6.44 1.86 1.05
CA ILE A 5 5.60 2.52 2.04
C ILE A 5 4.80 1.46 2.79
N LYS A 6 4.83 1.46 4.13
CA LYS A 6 4.05 0.52 4.94
C LYS A 6 2.54 0.80 4.85
N CYS A 7 1.74 -0.23 5.14
CA CYS A 7 0.34 -0.37 4.76
C CYS A 7 -0.25 -1.48 5.62
N ALA A 8 -1.27 -1.20 6.44
CA ALA A 8 -1.96 -2.22 7.21
C ALA A 8 -3.16 -2.73 6.42
N THR A 9 -3.98 -1.81 5.88
CA THR A 9 -5.19 -2.14 5.13
C THR A 9 -5.21 -1.48 3.76
N ASP A 10 -6.04 -2.03 2.86
CA ASP A 10 -6.65 -1.38 1.70
C ASP A 10 -6.67 0.14 1.84
N ALA A 11 -7.40 0.65 2.83
CA ALA A 11 -7.51 2.06 3.14
C ALA A 11 -6.16 2.79 3.07
N ASP A 12 -5.11 2.23 3.68
CA ASP A 12 -3.80 2.89 3.79
C ASP A 12 -3.22 3.13 2.42
N CYS A 13 -3.23 2.09 1.57
CA CYS A 13 -2.91 2.27 0.16
C CYS A 13 -3.80 3.38 -0.39
N SER A 14 -5.11 3.23 -0.24
CA SER A 14 -6.12 4.12 -0.79
C SER A 14 -5.78 5.61 -0.58
N ARG A 15 -5.47 6.02 0.66
CA ARG A 15 -5.09 7.42 0.92
C ARG A 15 -3.91 7.85 0.02
N LYS A 16 -2.88 7.00 -0.07
CA LYS A 16 -1.61 7.39 -0.66
C LYS A 16 -1.66 7.26 -2.20
N CYS A 17 -2.36 6.25 -2.70
CA CYS A 17 -2.28 5.78 -4.08
C CYS A 17 -3.67 5.32 -4.52
N PRO A 18 -4.28 5.98 -5.52
CA PRO A 18 -5.67 5.72 -5.89
C PRO A 18 -5.81 4.36 -6.56
N GLY A 19 -7.05 3.92 -6.77
CA GLY A 19 -7.36 2.60 -7.29
C GLY A 19 -7.37 1.52 -6.20
N ASN A 20 -6.96 1.87 -4.98
CA ASN A 20 -6.94 0.99 -3.82
C ASN A 20 -6.18 -0.32 -4.11
N PRO A 21 -4.88 -0.25 -4.41
CA PRO A 21 -4.05 -1.44 -4.45
C PRO A 21 -4.00 -2.09 -3.06
N PRO A 22 -3.61 -3.36 -2.95
CA PRO A 22 -3.56 -4.08 -1.68
C PRO A 22 -2.24 -3.84 -0.95
N CYS A 23 -2.21 -4.16 0.35
CA CYS A 23 -0.96 -4.29 1.09
C CYS A 23 -0.35 -5.66 0.78
N ARG A 24 0.97 -5.78 0.78
CA ARG A 24 1.70 -7.03 0.59
C ARG A 24 2.95 -6.97 1.48
N ASN A 25 3.15 -7.94 2.38
CA ASN A 25 4.13 -7.84 3.48
C ASN A 25 3.95 -6.51 4.22
N GLY A 26 2.68 -6.13 4.40
CA GLY A 26 2.28 -4.87 4.97
C GLY A 26 2.90 -3.65 4.26
N PHE A 27 3.27 -3.75 2.98
CA PHE A 27 3.74 -2.64 2.16
C PHE A 27 2.70 -2.36 1.08
N CYS A 28 2.41 -1.09 0.78
CA CYS A 28 1.39 -0.78 -0.22
C CYS A 28 1.87 -1.17 -1.63
N ALA A 29 1.17 -2.08 -2.30
CA ALA A 29 1.53 -2.51 -3.65
C ALA A 29 1.10 -1.48 -4.70
N CYS A 30 1.50 -0.22 -4.53
CA CYS A 30 1.21 0.86 -5.47
C CYS A 30 2.10 0.71 -6.71
N THR A 31 1.85 -0.32 -7.50
CA THR A 31 2.58 -0.56 -8.74
C THR A 31 2.25 0.53 -9.77
N THR A 1 16.58 -4.47 2.80
CA THR A 1 16.33 -3.06 3.06
C THR A 1 15.10 -2.59 2.24
N PRO A 2 13.88 -2.90 2.71
CA PRO A 2 12.68 -2.78 1.91
C PRO A 2 12.17 -1.32 1.88
N PHE A 3 12.88 -0.48 1.11
CA PHE A 3 12.44 0.88 0.81
C PHE A 3 11.18 0.88 -0.06
N ALA A 4 10.04 0.53 0.52
CA ALA A 4 8.74 0.55 -0.14
C ALA A 4 7.69 1.17 0.78
N ILE A 5 6.63 1.73 0.19
CA ILE A 5 5.56 2.41 0.90
C ILE A 5 4.84 1.39 1.80
N LYS A 6 4.85 1.62 3.11
CA LYS A 6 4.27 0.69 4.07
C LYS A 6 2.74 0.74 4.07
N CYS A 7 2.12 -0.41 4.36
CA CYS A 7 0.68 -0.64 4.22
C CYS A 7 0.29 -1.80 5.14
N ALA A 8 -0.57 -1.51 6.12
CA ALA A 8 -1.15 -2.53 6.99
C ALA A 8 -2.60 -2.78 6.56
N THR A 9 -3.32 -1.71 6.21
CA THR A 9 -4.74 -1.69 5.94
C THR A 9 -5.01 -1.39 4.46
N ASP A 10 -6.21 -1.73 4.00
CA ASP A 10 -6.76 -1.16 2.77
C ASP A 10 -6.70 0.36 2.86
N ALA A 11 -7.11 0.90 4.01
CA ALA A 11 -7.11 2.33 4.32
C ALA A 11 -5.76 2.97 3.98
N ASP A 12 -4.63 2.39 4.43
CA ASP A 12 -3.29 2.89 4.11
C ASP A 12 -3.19 3.18 2.61
N CYS A 13 -3.41 2.14 1.81
CA CYS A 13 -3.20 2.23 0.37
C CYS A 13 -4.24 3.16 -0.25
N SER A 14 -5.48 3.13 0.24
CA SER A 14 -6.56 4.05 -0.14
C SER A 14 -6.35 5.48 0.41
N ARG A 15 -5.09 5.93 0.47
CA ARG A 15 -4.64 7.28 0.76
C ARG A 15 -3.29 7.43 0.04
N LYS A 16 -2.38 6.46 0.24
CA LYS A 16 -1.03 6.53 -0.27
C LYS A 16 -0.95 6.29 -1.79
N CYS A 17 -1.77 5.41 -2.36
CA CYS A 17 -1.71 5.04 -3.77
C CYS A 17 -3.10 4.68 -4.30
N PRO A 18 -3.70 5.49 -5.20
CA PRO A 18 -5.10 5.38 -5.55
C PRO A 18 -5.40 4.13 -6.38
N GLY A 19 -6.70 3.86 -6.58
CA GLY A 19 -7.19 2.66 -7.24
C GLY A 19 -7.20 1.46 -6.29
N ASN A 20 -7.07 1.70 -4.98
CA ASN A 20 -7.08 0.73 -3.89
C ASN A 20 -6.43 -0.62 -4.25
N PRO A 21 -5.15 -0.64 -4.67
CA PRO A 21 -4.39 -1.87 -4.68
C PRO A 21 -4.18 -2.33 -3.24
N PRO A 22 -4.10 -3.64 -2.98
CA PRO A 22 -4.02 -4.17 -1.63
C PRO A 22 -2.64 -3.96 -1.02
N CYS A 23 -2.52 -4.25 0.28
CA CYS A 23 -1.21 -4.38 0.91
C CYS A 23 -0.63 -5.72 0.50
N ARG A 24 0.54 -5.72 -0.15
CA ARG A 24 1.46 -6.84 -0.06
C ARG A 24 1.96 -6.89 1.39
N ASN A 25 1.09 -7.42 2.27
CA ASN A 25 1.27 -7.67 3.71
C ASN A 25 2.44 -6.90 4.32
N GLY A 26 2.25 -5.61 4.59
CA GLY A 26 3.29 -4.75 5.13
C GLY A 26 3.59 -3.59 4.20
N PHE A 27 3.44 -3.79 2.88
CA PHE A 27 3.80 -2.78 1.88
C PHE A 27 2.72 -2.67 0.81
N CYS A 28 2.43 -1.46 0.33
CA CYS A 28 1.41 -1.19 -0.68
C CYS A 28 1.79 -1.92 -1.97
N ALA A 29 0.91 -2.73 -2.55
CA ALA A 29 1.13 -3.28 -3.89
C ALA A 29 0.81 -2.19 -4.94
N CYS A 30 1.42 -1.00 -4.79
CA CYS A 30 1.00 0.18 -5.52
C CYS A 30 1.20 0.01 -7.02
N THR A 31 0.17 0.33 -7.81
CA THR A 31 0.21 0.36 -9.25
C THR A 31 1.25 1.39 -9.70
N THR A 1 18.57 -0.14 2.93
CA THR A 1 18.00 1.15 2.58
C THR A 1 16.48 1.14 2.78
N PRO A 2 15.87 2.29 3.10
CA PRO A 2 14.43 2.39 3.24
C PRO A 2 13.76 2.11 1.90
N PHE A 3 12.75 1.25 1.89
CA PHE A 3 12.02 0.83 0.70
C PHE A 3 10.61 0.43 1.14
N ALA A 4 9.69 0.41 0.17
CA ALA A 4 8.36 -0.18 0.26
C ALA A 4 7.41 0.63 1.16
N ILE A 5 6.39 1.24 0.54
CA ILE A 5 5.37 2.03 1.21
C ILE A 5 4.59 1.11 2.17
N LYS A 6 4.74 1.30 3.49
CA LYS A 6 4.08 0.48 4.50
C LYS A 6 2.56 0.62 4.43
N CYS A 7 1.84 -0.50 4.64
CA CYS A 7 0.41 -0.63 4.37
C CYS A 7 -0.17 -1.70 5.28
N ALA A 8 -1.15 -1.35 6.13
CA ALA A 8 -1.90 -2.31 6.93
C ALA A 8 -3.27 -2.56 6.28
N THR A 9 -3.87 -1.50 5.72
CA THR A 9 -5.25 -1.48 5.27
C THR A 9 -5.37 -1.14 3.78
N ASP A 10 -6.50 -1.49 3.19
CA ASP A 10 -7.06 -0.82 2.03
C ASP A 10 -6.84 0.70 2.13
N ALA A 11 -7.37 1.33 3.18
CA ALA A 11 -7.22 2.74 3.48
C ALA A 11 -5.78 3.25 3.32
N ASP A 12 -4.77 2.54 3.84
CA ASP A 12 -3.37 2.94 3.65
C ASP A 12 -3.09 3.16 2.17
N CYS A 13 -3.30 2.11 1.37
CA CYS A 13 -3.11 2.22 -0.08
C CYS A 13 -3.94 3.39 -0.58
N SER A 14 -5.25 3.38 -0.33
CA SER A 14 -6.22 4.39 -0.79
C SER A 14 -6.10 5.74 -0.06
N ARG A 15 -4.87 6.17 0.22
CA ARG A 15 -4.45 7.45 0.75
C ARG A 15 -3.07 7.72 0.16
N LYS A 16 -2.18 6.72 0.26
CA LYS A 16 -0.81 6.80 -0.23
C LYS A 16 -0.74 6.72 -1.76
N CYS A 17 -1.73 6.11 -2.43
CA CYS A 17 -1.79 5.97 -3.88
C CYS A 17 -3.24 5.69 -4.33
N PRO A 18 -3.71 6.30 -5.44
CA PRO A 18 -5.09 6.15 -5.87
C PRO A 18 -5.38 4.72 -6.37
N GLY A 19 -6.67 4.42 -6.58
CA GLY A 19 -7.11 3.15 -7.17
C GLY A 19 -7.36 2.05 -6.15
N ASN A 20 -6.92 2.23 -4.91
CA ASN A 20 -7.06 1.27 -3.81
C ASN A 20 -6.55 -0.13 -4.19
N PRO A 21 -5.29 -0.29 -4.59
CA PRO A 21 -4.65 -1.61 -4.65
C PRO A 21 -4.55 -2.19 -3.23
N PRO A 22 -4.28 -3.50 -3.09
CA PRO A 22 -4.21 -4.15 -1.78
C PRO A 22 -2.84 -3.92 -1.11
N CYS A 23 -2.77 -4.21 0.19
CA CYS A 23 -1.49 -4.42 0.85
C CYS A 23 -0.99 -5.81 0.50
N ARG A 24 0.33 -5.99 0.41
CA ARG A 24 1.00 -7.26 0.21
C ARG A 24 2.22 -7.27 1.13
N ASN A 25 2.34 -8.26 2.00
CA ASN A 25 3.43 -8.37 2.96
C ASN A 25 3.58 -7.10 3.80
N GLY A 26 2.47 -6.42 4.07
CA GLY A 26 2.46 -5.19 4.86
C GLY A 26 2.93 -3.96 4.09
N PHE A 27 2.97 -4.02 2.75
CA PHE A 27 3.39 -2.91 1.89
C PHE A 27 2.37 -2.71 0.76
N CYS A 28 2.11 -1.46 0.38
CA CYS A 28 1.05 -1.16 -0.58
C CYS A 28 1.44 -1.63 -1.97
N ALA A 29 0.66 -2.52 -2.58
CA ALA A 29 0.95 -3.05 -3.91
C ALA A 29 0.57 -2.07 -5.02
N CYS A 30 0.92 -0.79 -4.85
CA CYS A 30 0.78 0.25 -5.86
C CYS A 30 2.07 0.37 -6.66
N THR A 31 3.20 0.38 -5.96
CA THR A 31 4.54 0.55 -6.53
C THR A 31 4.54 1.60 -7.64
N THR A 1 14.00 0.48 6.21
CA THR A 1 14.65 0.80 4.94
C THR A 1 13.97 2.06 4.36
N PRO A 2 14.69 2.95 3.69
CA PRO A 2 14.12 4.14 3.09
C PRO A 2 13.39 3.77 1.79
N PHE A 3 12.40 2.88 1.88
CA PHE A 3 11.69 2.30 0.75
C PHE A 3 10.50 1.52 1.30
N ALA A 4 9.60 1.06 0.41
CA ALA A 4 8.50 0.16 0.74
C ALA A 4 7.52 0.78 1.75
N ILE A 5 6.56 1.56 1.23
CA ILE A 5 5.51 2.21 1.99
C ILE A 5 4.72 1.15 2.78
N LYS A 6 4.79 1.18 4.12
CA LYS A 6 4.01 0.28 4.96
C LYS A 6 2.51 0.57 4.86
N CYS A 7 1.69 -0.44 5.18
CA CYS A 7 0.28 -0.53 4.85
C CYS A 7 -0.33 -1.60 5.75
N ALA A 8 -1.29 -1.25 6.60
CA ALA A 8 -2.03 -2.20 7.40
C ALA A 8 -3.35 -2.54 6.72
N THR A 9 -3.95 -1.55 6.06
CA THR A 9 -5.31 -1.59 5.55
C THR A 9 -5.39 -1.22 4.08
N ASP A 10 -6.48 -1.63 3.44
CA ASP A 10 -7.07 -0.96 2.28
C ASP A 10 -6.94 0.57 2.41
N ALA A 11 -7.49 1.15 3.48
CA ALA A 11 -7.43 2.57 3.80
C ALA A 11 -6.02 3.15 3.59
N ASP A 12 -4.97 2.54 4.13
CA ASP A 12 -3.60 3.05 3.99
C ASP A 12 -3.25 3.27 2.52
N CYS A 13 -3.41 2.23 1.69
CA CYS A 13 -3.20 2.37 0.25
C CYS A 13 -4.12 3.47 -0.28
N SER A 14 -5.42 3.37 0.02
CA SER A 14 -6.50 4.24 -0.44
C SER A 14 -6.47 5.65 0.20
N ARG A 15 -5.28 6.19 0.41
CA ARG A 15 -5.01 7.56 0.81
C ARG A 15 -3.90 8.08 -0.09
N LYS A 16 -2.79 7.34 -0.16
CA LYS A 16 -1.61 7.74 -0.92
C LYS A 16 -1.70 7.30 -2.39
N CYS A 17 -2.30 6.13 -2.65
CA CYS A 17 -2.27 5.48 -3.96
C CYS A 17 -3.68 5.03 -4.37
N PRO A 18 -4.31 5.69 -5.36
CA PRO A 18 -5.67 5.37 -5.77
C PRO A 18 -5.72 4.06 -6.55
N GLY A 19 -6.92 3.64 -6.96
CA GLY A 19 -7.14 2.33 -7.57
C GLY A 19 -6.99 1.21 -6.53
N ASN A 20 -7.18 1.55 -5.26
CA ASN A 20 -7.18 0.72 -4.06
C ASN A 20 -6.46 -0.63 -4.21
N PRO A 21 -5.13 -0.61 -4.40
CA PRO A 21 -4.33 -1.82 -4.32
C PRO A 21 -4.32 -2.36 -2.88
N PRO A 22 -4.00 -3.65 -2.68
CA PRO A 22 -3.94 -4.26 -1.36
C PRO A 22 -2.61 -3.96 -0.67
N CYS A 23 -2.51 -4.33 0.61
CA CYS A 23 -1.24 -4.46 1.31
C CYS A 23 -0.66 -5.85 1.00
N ARG A 24 0.65 -5.96 0.84
CA ARG A 24 1.37 -7.22 0.61
C ARG A 24 2.61 -7.19 1.50
N ASN A 25 2.78 -8.17 2.39
CA ASN A 25 3.76 -8.12 3.48
C ASN A 25 3.62 -6.79 4.25
N GLY A 26 2.37 -6.37 4.43
CA GLY A 26 2.01 -5.11 5.04
C GLY A 26 2.65 -3.90 4.35
N PHE A 27 2.98 -3.99 3.05
CA PHE A 27 3.48 -2.88 2.25
C PHE A 27 2.46 -2.58 1.16
N CYS A 28 2.15 -1.31 0.88
CA CYS A 28 1.12 -0.98 -0.09
C CYS A 28 1.56 -1.42 -1.49
N ALA A 29 0.80 -2.31 -2.15
CA ALA A 29 1.16 -2.81 -3.47
C ALA A 29 0.83 -1.79 -4.56
N CYS A 30 1.33 -0.56 -4.43
CA CYS A 30 1.09 0.52 -5.37
C CYS A 30 1.94 0.34 -6.63
N THR A 31 1.65 -0.73 -7.39
CA THR A 31 2.43 -1.11 -8.55
C THR A 31 2.52 0.05 -9.55
N THR A 1 13.13 -4.78 -2.22
CA THR A 1 13.51 -3.47 -2.73
C THR A 1 13.63 -2.51 -1.53
N PRO A 2 14.67 -1.67 -1.46
CA PRO A 2 14.87 -0.75 -0.35
C PRO A 2 13.93 0.47 -0.47
N PHE A 3 12.62 0.22 -0.55
CA PHE A 3 11.58 1.21 -0.63
C PHE A 3 10.25 0.47 -0.46
N ALA A 4 9.59 0.63 0.69
CA ALA A 4 8.45 -0.18 1.07
C ALA A 4 7.51 0.64 1.95
N ILE A 5 6.52 1.27 1.33
CA ILE A 5 5.53 2.11 2.02
C ILE A 5 4.63 1.20 2.85
N LYS A 6 4.64 1.35 4.18
CA LYS A 6 3.83 0.52 5.08
C LYS A 6 2.34 0.62 4.78
N CYS A 7 1.60 -0.47 5.02
CA CYS A 7 0.19 -0.62 4.68
C CYS A 7 -0.39 -1.72 5.55
N ALA A 8 -1.35 -1.40 6.42
CA ALA A 8 -2.05 -2.39 7.23
C ALA A 8 -3.35 -2.77 6.54
N THR A 9 -4.00 -1.78 5.91
CA THR A 9 -5.35 -1.88 5.39
C THR A 9 -5.40 -1.42 3.93
N ASP A 10 -6.39 -1.91 3.19
CA ASP A 10 -6.91 -1.29 1.98
C ASP A 10 -6.89 0.24 2.10
N ALA A 11 -7.53 0.79 3.14
CA ALA A 11 -7.52 2.21 3.50
C ALA A 11 -6.15 2.86 3.38
N ASP A 12 -5.06 2.20 3.82
CA ASP A 12 -3.73 2.79 3.75
C ASP A 12 -3.31 3.03 2.30
N CYS A 13 -3.49 2.01 1.44
CA CYS A 13 -3.27 2.21 0.02
C CYS A 13 -4.21 3.31 -0.47
N SER A 14 -5.51 3.16 -0.22
CA SER A 14 -6.60 4.06 -0.60
C SER A 14 -6.57 5.35 0.23
N ARG A 15 -5.42 6.01 0.24
CA ARG A 15 -5.08 7.17 1.04
C ARG A 15 -3.71 7.64 0.52
N LYS A 16 -2.76 6.70 0.38
CA LYS A 16 -1.48 7.00 -0.27
C LYS A 16 -1.65 7.16 -1.79
N CYS A 17 -2.57 6.40 -2.42
CA CYS A 17 -2.65 6.26 -3.87
C CYS A 17 -4.06 5.78 -4.29
N PRO A 18 -4.59 6.26 -5.42
CA PRO A 18 -5.92 5.92 -5.89
C PRO A 18 -5.98 4.50 -6.47
N GLY A 19 -7.17 4.06 -6.89
CA GLY A 19 -7.36 2.78 -7.55
C GLY A 19 -7.42 1.59 -6.58
N ASN A 20 -7.29 1.86 -5.27
CA ASN A 20 -7.47 0.91 -4.18
C ASN A 20 -6.75 -0.44 -4.41
N PRO A 21 -5.44 -0.44 -4.69
CA PRO A 21 -4.65 -1.65 -4.68
C PRO A 21 -4.50 -2.17 -3.24
N PRO A 22 -4.12 -3.44 -3.05
CA PRO A 22 -4.03 -4.05 -1.73
C PRO A 22 -2.69 -3.78 -1.04
N CYS A 23 -2.62 -4.12 0.26
CA CYS A 23 -1.36 -4.31 0.95
C CYS A 23 -0.81 -5.69 0.55
N ARG A 24 0.51 -5.85 0.56
CA ARG A 24 1.19 -7.12 0.45
C ARG A 24 2.37 -7.09 1.42
N ASN A 25 2.51 -8.13 2.25
CA ASN A 25 3.54 -8.22 3.28
C ASN A 25 3.59 -6.97 4.16
N GLY A 26 2.44 -6.33 4.39
CA GLY A 26 2.34 -5.13 5.20
C GLY A 26 2.82 -3.85 4.50
N PHE A 27 2.94 -3.86 3.16
CA PHE A 27 3.36 -2.70 2.37
C PHE A 27 2.41 -2.48 1.20
N CYS A 28 2.15 -1.22 0.82
CA CYS A 28 1.13 -0.92 -0.18
C CYS A 28 1.60 -1.29 -1.58
N ALA A 29 0.81 -2.07 -2.33
CA ALA A 29 1.10 -2.36 -3.72
C ALA A 29 0.79 -1.15 -4.63
N CYS A 30 1.45 -0.01 -4.37
CA CYS A 30 1.38 1.18 -5.23
C CYS A 30 2.69 1.96 -5.13
N THR A 31 3.68 1.51 -5.89
CA THR A 31 5.02 2.10 -5.94
C THR A 31 5.45 2.23 -7.42
N THR A 1 16.99 -1.31 -2.57
CA THR A 1 16.80 -0.74 -1.24
C THR A 1 15.39 -1.14 -0.75
N PRO A 2 15.15 -1.21 0.57
CA PRO A 2 13.86 -1.61 1.12
C PRO A 2 12.85 -0.45 1.03
N PHE A 3 12.65 0.10 -0.18
CA PHE A 3 11.73 1.20 -0.42
C PHE A 3 10.29 0.65 -0.47
N ALA A 4 9.79 0.19 0.67
CA ALA A 4 8.50 -0.46 0.80
C ALA A 4 7.62 0.31 1.78
N ILE A 5 6.61 1.00 1.27
CA ILE A 5 5.70 1.82 2.07
C ILE A 5 4.68 0.90 2.74
N LYS A 6 4.60 0.94 4.07
CA LYS A 6 3.78 0.03 4.88
C LYS A 6 2.28 0.16 4.55
N CYS A 7 1.53 -0.92 4.81
CA CYS A 7 0.11 -1.04 4.53
C CYS A 7 -0.47 -2.18 5.34
N ALA A 8 -1.44 -1.93 6.22
CA ALA A 8 -2.13 -2.96 6.97
C ALA A 8 -3.46 -3.26 6.29
N THR A 9 -4.13 -2.21 5.80
CA THR A 9 -5.50 -2.24 5.32
C THR A 9 -5.59 -1.80 3.86
N ASP A 10 -6.65 -2.23 3.19
CA ASP A 10 -7.26 -1.54 2.07
C ASP A 10 -7.17 -0.02 2.24
N ALA A 11 -7.74 0.52 3.33
CA ALA A 11 -7.69 1.93 3.68
C ALA A 11 -6.30 2.55 3.55
N ASP A 12 -5.25 1.94 4.14
CA ASP A 12 -3.89 2.49 4.07
C ASP A 12 -3.52 2.79 2.62
N CYS A 13 -3.59 1.75 1.78
CA CYS A 13 -3.35 1.91 0.36
C CYS A 13 -4.28 3.00 -0.19
N SER A 14 -5.59 2.81 -0.02
CA SER A 14 -6.66 3.66 -0.54
C SER A 14 -6.78 4.96 0.26
N ARG A 15 -5.66 5.67 0.38
CA ARG A 15 -5.46 6.88 1.16
C ARG A 15 -4.05 7.37 0.87
N LYS A 16 -3.08 6.46 0.80
CA LYS A 16 -1.71 6.77 0.40
C LYS A 16 -1.60 6.90 -1.14
N CYS A 17 -2.29 6.03 -1.88
CA CYS A 17 -2.17 5.88 -3.33
C CYS A 17 -3.54 5.52 -3.94
N PRO A 18 -4.00 6.24 -4.97
CA PRO A 18 -5.37 6.09 -5.47
C PRO A 18 -5.56 4.78 -6.23
N GLY A 19 -6.82 4.46 -6.54
CA GLY A 19 -7.21 3.27 -7.29
C GLY A 19 -7.42 2.05 -6.39
N ASN A 20 -7.49 2.26 -5.06
CA ASN A 20 -7.67 1.22 -4.05
C ASN A 20 -6.82 -0.04 -4.30
N PRO A 21 -5.49 0.10 -4.43
CA PRO A 21 -4.60 -1.05 -4.58
C PRO A 21 -4.58 -1.86 -3.27
N PRO A 22 -4.15 -3.13 -3.31
CA PRO A 22 -4.08 -3.99 -2.14
C PRO A 22 -2.77 -3.80 -1.37
N CYS A 23 -2.76 -4.19 -0.09
CA CYS A 23 -1.51 -4.45 0.61
C CYS A 23 -0.93 -5.76 0.09
N ARG A 24 0.40 -5.87 0.09
CA ARG A 24 1.14 -7.06 -0.27
C ARG A 24 2.28 -7.18 0.73
N ASN A 25 2.31 -8.28 1.50
CA ASN A 25 3.31 -8.53 2.54
C ASN A 25 3.43 -7.36 3.51
N GLY A 26 2.31 -6.68 3.80
CA GLY A 26 2.27 -5.56 4.72
C GLY A 26 2.77 -4.24 4.13
N PHE A 27 2.90 -4.14 2.79
CA PHE A 27 3.33 -2.92 2.11
C PHE A 27 2.36 -2.62 0.96
N CYS A 28 2.08 -1.34 0.67
CA CYS A 28 1.07 -1.01 -0.33
C CYS A 28 1.56 -1.36 -1.72
N ALA A 29 0.80 -2.14 -2.49
CA ALA A 29 1.20 -2.52 -3.84
C ALA A 29 1.40 -1.29 -4.73
N CYS A 30 0.44 -0.35 -4.68
CA CYS A 30 0.40 0.88 -5.49
C CYS A 30 0.94 0.67 -6.91
N THR A 31 0.29 -0.22 -7.66
CA THR A 31 0.62 -0.52 -9.04
C THR A 31 -0.56 -1.27 -9.65
N THR A 1 12.02 -8.37 -0.91
CA THR A 1 12.50 -7.01 -0.78
C THR A 1 11.53 -6.22 0.11
N PRO A 2 11.59 -6.37 1.44
CA PRO A 2 10.65 -5.73 2.37
C PRO A 2 11.01 -4.25 2.58
N PHE A 3 11.11 -3.50 1.48
CA PHE A 3 11.67 -2.16 1.43
C PHE A 3 10.80 -1.29 0.53
N ALA A 4 9.61 -0.95 1.00
CA ALA A 4 8.66 -0.11 0.29
C ALA A 4 7.74 0.56 1.32
N ILE A 5 6.80 1.37 0.84
CA ILE A 5 5.78 2.01 1.67
C ILE A 5 5.01 0.92 2.43
N LYS A 6 4.84 1.09 3.74
CA LYS A 6 4.14 0.12 4.59
C LYS A 6 2.62 0.17 4.37
N CYS A 7 1.92 -0.88 4.79
CA CYS A 7 0.47 -1.03 4.66
C CYS A 7 -0.03 -2.07 5.65
N ALA A 8 -0.97 -1.71 6.53
CA ALA A 8 -1.60 -2.62 7.47
C ALA A 8 -2.90 -3.14 6.86
N THR A 9 -3.73 -2.24 6.32
CA THR A 9 -4.93 -2.61 5.58
C THR A 9 -4.97 -1.85 4.25
N ASP A 10 -5.68 -2.42 3.27
CA ASP A 10 -6.04 -1.81 1.99
C ASP A 10 -6.24 -0.29 2.12
N ALA A 11 -7.16 0.11 3.02
CA ALA A 11 -7.38 1.48 3.46
C ALA A 11 -6.13 2.37 3.43
N ASP A 12 -5.03 1.94 4.06
CA ASP A 12 -3.80 2.74 4.15
C ASP A 12 -3.34 3.11 2.74
N CYS A 13 -3.06 2.06 1.98
CA CYS A 13 -2.48 2.14 0.65
C CYS A 13 -3.43 2.87 -0.29
N SER A 14 -4.70 2.49 -0.27
CA SER A 14 -5.78 3.15 -1.00
C SER A 14 -5.82 4.65 -0.70
N ARG A 15 -5.78 5.01 0.58
CA ARG A 15 -5.88 6.41 1.00
C ARG A 15 -4.68 7.19 0.49
N LYS A 16 -3.48 6.59 0.51
CA LYS A 16 -2.28 7.26 0.04
C LYS A 16 -2.23 7.33 -1.49
N CYS A 17 -2.63 6.26 -2.17
CA CYS A 17 -2.46 6.05 -3.61
C CYS A 17 -3.75 5.44 -4.16
N PRO A 18 -4.47 6.14 -5.06
CA PRO A 18 -5.85 5.80 -5.41
C PRO A 18 -5.95 4.53 -6.27
N GLY A 19 -7.19 4.09 -6.52
CA GLY A 19 -7.50 2.89 -7.28
C GLY A 19 -7.46 1.63 -6.41
N ASN A 20 -7.63 1.80 -5.10
CA ASN A 20 -7.51 0.77 -4.07
C ASN A 20 -6.48 -0.33 -4.36
N PRO A 21 -5.20 0.03 -4.54
CA PRO A 21 -4.11 -0.94 -4.43
C PRO A 21 -4.11 -1.52 -3.01
N PRO A 22 -4.12 -2.85 -2.84
CA PRO A 22 -4.19 -3.48 -1.53
C PRO A 22 -2.81 -3.49 -0.85
N CYS A 23 -2.76 -4.07 0.35
CA CYS A 23 -1.48 -4.42 0.96
C CYS A 23 -0.95 -5.69 0.29
N ARG A 24 0.25 -5.64 -0.28
CA ARG A 24 1.12 -6.79 -0.26
C ARG A 24 1.52 -7.00 1.21
N ASN A 25 0.59 -7.57 1.99
CA ASN A 25 0.65 -7.92 3.41
C ASN A 25 1.86 -7.31 4.12
N GLY A 26 1.74 -6.05 4.55
CA GLY A 26 2.83 -5.30 5.18
C GLY A 26 3.21 -4.08 4.34
N PHE A 27 3.11 -4.18 3.01
CA PHE A 27 3.59 -3.16 2.07
C PHE A 27 2.49 -2.75 1.10
N CYS A 28 2.41 -1.45 0.77
CA CYS A 28 1.38 -0.87 -0.09
C CYS A 28 1.65 -1.19 -1.56
N ALA A 29 0.77 -1.94 -2.22
CA ALA A 29 0.96 -2.34 -3.61
C ALA A 29 0.60 -1.22 -4.59
N CYS A 30 1.01 0.02 -4.32
CA CYS A 30 0.77 1.16 -5.20
C CYS A 30 1.59 1.00 -6.49
N THR A 31 1.06 0.23 -7.43
CA THR A 31 1.76 -0.18 -8.64
C THR A 31 2.34 1.03 -9.38
N THR A 1 12.67 -2.96 -6.64
CA THR A 1 13.67 -2.00 -6.18
C THR A 1 13.72 -2.06 -4.65
N PRO A 2 14.80 -1.62 -4.00
CA PRO A 2 14.88 -1.54 -2.55
C PRO A 2 14.03 -0.36 -2.06
N PHE A 3 12.71 -0.45 -2.21
CA PHE A 3 11.77 0.59 -1.87
C PHE A 3 10.39 -0.05 -1.68
N ALA A 4 9.73 0.24 -0.56
CA ALA A 4 8.42 -0.33 -0.24
C ALA A 4 7.75 0.54 0.82
N ILE A 5 6.76 1.34 0.42
CA ILE A 5 5.94 2.14 1.32
C ILE A 5 5.16 1.20 2.24
N LYS A 6 5.03 1.54 3.54
CA LYS A 6 4.35 0.70 4.52
C LYS A 6 2.82 0.78 4.35
N CYS A 7 2.09 -0.24 4.80
CA CYS A 7 0.64 -0.31 4.67
C CYS A 7 0.08 -1.31 5.69
N ALA A 8 -1.00 -0.99 6.40
CA ALA A 8 -1.61 -1.91 7.35
C ALA A 8 -2.91 -2.49 6.77
N THR A 9 -3.82 -1.60 6.37
CA THR A 9 -5.07 -1.93 5.70
C THR A 9 -5.00 -1.51 4.23
N ASP A 10 -5.80 -2.13 3.37
CA ASP A 10 -6.11 -1.63 2.04
C ASP A 10 -6.25 -0.10 2.07
N ALA A 11 -7.17 0.41 2.90
CA ALA A 11 -7.43 1.83 3.16
C ALA A 11 -6.22 2.65 3.61
N ASP A 12 -5.02 2.09 3.79
CA ASP A 12 -3.77 2.83 3.95
C ASP A 12 -3.09 3.03 2.60
N CYS A 13 -3.06 1.99 1.76
CA CYS A 13 -2.50 2.17 0.41
C CYS A 13 -3.47 3.00 -0.40
N SER A 14 -4.75 2.57 -0.41
CA SER A 14 -5.88 3.33 -0.91
C SER A 14 -6.13 4.54 -0.01
N ARG A 15 -5.25 5.52 -0.14
CA ARG A 15 -5.21 6.78 0.58
C ARG A 15 -4.08 7.59 -0.04
N LYS A 16 -2.91 6.95 -0.18
CA LYS A 16 -1.75 7.54 -0.81
C LYS A 16 -1.74 7.25 -2.32
N CYS A 17 -2.09 6.03 -2.71
CA CYS A 17 -2.08 5.57 -4.10
C CYS A 17 -3.50 5.15 -4.51
N PRO A 18 -4.10 5.78 -5.54
CA PRO A 18 -5.50 5.57 -5.89
C PRO A 18 -5.72 4.27 -6.66
N GLY A 19 -6.98 3.96 -6.98
CA GLY A 19 -7.38 2.76 -7.72
C GLY A 19 -7.52 1.55 -6.79
N ASN A 20 -8.06 1.80 -5.59
CA ASN A 20 -8.17 0.88 -4.46
C ASN A 20 -7.16 -0.28 -4.45
N PRO A 21 -5.86 0.02 -4.32
CA PRO A 21 -4.84 -1.00 -4.18
C PRO A 21 -4.85 -1.56 -2.75
N PRO A 22 -4.62 -2.86 -2.57
CA PRO A 22 -4.47 -3.47 -1.25
C PRO A 22 -3.07 -3.20 -0.67
N CYS A 23 -2.81 -3.73 0.52
CA CYS A 23 -1.44 -3.90 0.98
C CYS A 23 -0.88 -5.17 0.35
N ARG A 24 0.29 -5.09 -0.27
CA ARG A 24 1.20 -6.22 -0.32
C ARG A 24 1.66 -6.50 1.12
N ASN A 25 0.80 -7.17 1.89
CA ASN A 25 1.06 -7.74 3.22
C ASN A 25 2.05 -6.91 4.04
N GLY A 26 1.60 -5.76 4.54
CA GLY A 26 2.42 -4.88 5.37
C GLY A 26 3.00 -3.70 4.60
N PHE A 27 2.98 -3.76 3.26
CA PHE A 27 3.51 -2.70 2.39
C PHE A 27 2.48 -2.39 1.30
N CYS A 28 2.50 -1.19 0.73
CA CYS A 28 1.57 -0.79 -0.32
C CYS A 28 1.69 -1.76 -1.50
N ALA A 29 0.59 -2.27 -2.06
CA ALA A 29 0.68 -2.88 -3.39
C ALA A 29 0.86 -1.76 -4.41
N CYS A 30 -0.06 -0.80 -4.38
CA CYS A 30 -0.16 0.37 -5.25
C CYS A 30 -0.22 0.04 -6.73
N THR A 31 0.88 -0.41 -7.33
CA THR A 31 0.98 -0.64 -8.76
C THR A 31 -0.04 -1.69 -9.19
N THR A 1 12.69 -2.62 -6.12
CA THR A 1 13.39 -1.37 -5.89
C THR A 1 13.20 -0.97 -4.43
N PRO A 2 14.07 -0.14 -3.85
CA PRO A 2 13.90 0.36 -2.48
C PRO A 2 12.78 1.41 -2.44
N PHE A 3 11.55 0.99 -2.71
CA PHE A 3 10.35 1.81 -2.75
C PHE A 3 9.26 1.14 -1.93
N ALA A 4 9.65 0.63 -0.76
CA ALA A 4 8.81 -0.23 0.08
C ALA A 4 7.80 0.61 0.86
N ILE A 5 6.85 1.23 0.15
CA ILE A 5 5.75 1.98 0.76
C ILE A 5 4.96 1.03 1.66
N LYS A 6 5.03 1.22 2.98
CA LYS A 6 4.22 0.43 3.90
C LYS A 6 2.73 0.61 3.64
N CYS A 7 1.99 -0.43 4.00
CA CYS A 7 0.56 -0.44 4.19
C CYS A 7 0.31 -0.76 5.67
N ALA A 8 -0.88 -0.45 6.17
CA ALA A 8 -1.37 -0.90 7.46
C ALA A 8 -2.75 -1.50 7.24
N THR A 9 -3.79 -0.69 7.08
CA THR A 9 -5.04 -1.19 6.51
C THR A 9 -4.94 -1.18 4.99
N ASP A 10 -5.78 -1.97 4.32
CA ASP A 10 -6.05 -1.85 2.90
C ASP A 10 -6.42 -0.39 2.59
N ALA A 11 -7.29 0.19 3.42
CA ALA A 11 -7.66 1.59 3.36
C ALA A 11 -6.41 2.48 3.30
N ASP A 12 -5.42 2.29 4.18
CA ASP A 12 -4.21 3.11 4.17
C ASP A 12 -3.49 3.09 2.82
N CYS A 13 -3.39 1.91 2.20
CA CYS A 13 -2.84 1.85 0.85
C CYS A 13 -3.73 2.61 -0.12
N SER A 14 -5.03 2.30 -0.09
CA SER A 14 -6.10 2.95 -0.84
C SER A 14 -6.44 4.34 -0.26
N ARG A 15 -5.42 5.16 -0.01
CA ARG A 15 -5.47 6.43 0.68
C ARG A 15 -4.15 7.13 0.40
N LYS A 16 -3.03 6.43 0.66
CA LYS A 16 -1.72 6.88 0.20
C LYS A 16 -1.72 6.95 -1.34
N CYS A 17 -2.19 5.88 -2.00
CA CYS A 17 -2.14 5.74 -3.45
C CYS A 17 -3.54 5.46 -4.02
N PRO A 18 -3.96 6.16 -5.08
CA PRO A 18 -5.28 5.98 -5.68
C PRO A 18 -5.33 4.67 -6.50
N GLY A 19 -6.48 4.39 -7.11
CA GLY A 19 -6.71 3.13 -7.81
C GLY A 19 -6.71 1.97 -6.82
N ASN A 20 -7.35 2.22 -5.67
CA ASN A 20 -7.49 1.37 -4.48
C ASN A 20 -6.65 0.09 -4.52
N PRO A 21 -5.32 0.18 -4.37
CA PRO A 21 -4.46 -0.97 -4.55
C PRO A 21 -4.54 -1.89 -3.33
N PRO A 22 -4.32 -3.20 -3.50
CA PRO A 22 -4.24 -4.15 -2.39
C PRO A 22 -2.90 -3.98 -1.65
N CYS A 23 -2.67 -4.83 -0.64
CA CYS A 23 -1.42 -4.84 0.11
C CYS A 23 -0.82 -6.24 0.09
N ARG A 24 0.51 -6.32 0.24
CA ARG A 24 1.25 -7.56 0.36
C ARG A 24 2.22 -7.40 1.53
N ASN A 25 2.11 -8.27 2.54
CA ASN A 25 2.98 -8.29 3.72
C ASN A 25 3.10 -6.89 4.35
N GLY A 26 1.98 -6.17 4.43
CA GLY A 26 1.95 -4.83 4.98
C GLY A 26 2.77 -3.82 4.17
N PHE A 27 2.87 -4.01 2.85
CA PHE A 27 3.34 -3.02 1.90
C PHE A 27 2.26 -2.77 0.85
N CYS A 28 2.08 -1.52 0.46
CA CYS A 28 1.01 -1.07 -0.41
C CYS A 28 1.35 -1.36 -1.87
N ALA A 29 0.52 -2.15 -2.57
CA ALA A 29 0.82 -2.55 -3.94
C ALA A 29 0.47 -1.44 -4.94
N CYS A 30 0.92 -0.22 -4.66
CA CYS A 30 0.70 0.95 -5.51
C CYS A 30 1.45 0.78 -6.83
N THR A 31 2.76 0.55 -6.72
CA THR A 31 3.64 0.33 -7.86
C THR A 31 3.14 -0.85 -8.70
N THR A 1 14.66 -3.68 -0.20
CA THR A 1 13.37 -3.29 -0.74
C THR A 1 13.22 -1.76 -0.65
N PRO A 2 13.91 -0.99 -1.51
CA PRO A 2 13.94 0.48 -1.44
C PRO A 2 12.66 1.10 -2.01
N PHE A 3 11.50 0.61 -1.55
CA PHE A 3 10.16 1.07 -1.91
C PHE A 3 9.14 0.49 -0.92
N ALA A 4 9.58 0.08 0.27
CA ALA A 4 8.74 -0.55 1.28
C ALA A 4 7.89 0.51 1.98
N ILE A 5 6.89 1.05 1.28
CA ILE A 5 5.91 1.99 1.80
C ILE A 5 4.88 1.20 2.62
N LYS A 6 4.82 1.45 3.94
CA LYS A 6 4.08 0.62 4.89
C LYS A 6 2.57 0.67 4.64
N CYS A 7 1.90 -0.45 4.89
CA CYS A 7 0.47 -0.65 4.67
C CYS A 7 -0.03 -1.72 5.64
N ALA A 8 -1.06 -1.41 6.43
CA ALA A 8 -1.68 -2.35 7.36
C ALA A 8 -3.09 -2.69 6.88
N THR A 9 -3.88 -1.64 6.62
CA THR A 9 -5.24 -1.73 6.09
C THR A 9 -5.16 -1.64 4.56
N ASP A 10 -6.16 -2.09 3.81
CA ASP A 10 -6.19 -1.73 2.40
C ASP A 10 -6.27 -0.19 2.30
N ALA A 11 -7.16 0.40 3.11
CA ALA A 11 -7.36 1.83 3.31
C ALA A 11 -6.05 2.64 3.30
N ASP A 12 -5.00 2.19 4.00
CA ASP A 12 -3.66 2.78 3.91
C ASP A 12 -3.32 3.12 2.46
N CYS A 13 -3.28 2.05 1.67
CA CYS A 13 -2.78 2.07 0.31
C CYS A 13 -3.82 2.72 -0.58
N SER A 14 -5.10 2.38 -0.40
CA SER A 14 -6.26 3.05 -0.98
C SER A 14 -6.49 4.43 -0.34
N ARG A 15 -5.46 5.27 -0.36
CA ARG A 15 -5.40 6.61 0.21
C ARG A 15 -4.02 7.16 -0.14
N LYS A 16 -2.96 6.41 0.17
CA LYS A 16 -1.61 6.72 -0.29
C LYS A 16 -1.49 6.65 -1.82
N CYS A 17 -2.32 5.84 -2.49
CA CYS A 17 -2.29 5.66 -3.94
C CYS A 17 -3.70 5.25 -4.46
N PRO A 18 -4.21 5.84 -5.56
CA PRO A 18 -5.58 5.62 -5.98
C PRO A 18 -5.76 4.26 -6.68
N GLY A 19 -7.02 3.87 -6.91
CA GLY A 19 -7.41 2.65 -7.61
C GLY A 19 -7.57 1.46 -6.66
N ASN A 20 -7.91 1.73 -5.40
CA ASN A 20 -7.96 0.80 -4.27
C ASN A 20 -6.92 -0.33 -4.30
N PRO A 21 -5.61 -0.02 -4.48
CA PRO A 21 -4.57 -1.01 -4.33
C PRO A 21 -4.54 -1.53 -2.88
N PRO A 22 -4.38 -2.84 -2.67
CA PRO A 22 -4.33 -3.43 -1.34
C PRO A 22 -2.91 -3.36 -0.76
N CYS A 23 -2.73 -3.93 0.44
CA CYS A 23 -1.40 -4.21 0.94
C CYS A 23 -0.89 -5.50 0.28
N ARG A 24 0.29 -5.45 -0.33
CA ARG A 24 1.14 -6.63 -0.35
C ARG A 24 1.61 -6.85 1.10
N ASN A 25 0.74 -7.46 1.90
CA ASN A 25 0.89 -7.85 3.30
C ASN A 25 2.06 -7.17 4.00
N GLY A 26 1.91 -5.88 4.32
CA GLY A 26 2.95 -5.08 4.94
C GLY A 26 3.22 -3.80 4.13
N PHE A 27 3.20 -3.89 2.80
CA PHE A 27 3.59 -2.78 1.93
C PHE A 27 2.50 -2.45 0.91
N CYS A 28 2.31 -1.17 0.60
CA CYS A 28 1.25 -0.70 -0.29
C CYS A 28 1.49 -1.15 -1.74
N ALA A 29 0.60 -1.98 -2.29
CA ALA A 29 0.74 -2.50 -3.63
C ALA A 29 0.29 -1.47 -4.68
N CYS A 30 0.88 -0.27 -4.66
CA CYS A 30 0.57 0.78 -5.62
C CYS A 30 1.14 0.42 -7.00
N THR A 31 0.50 -0.53 -7.69
CA THR A 31 0.93 -1.02 -8.99
C THR A 31 0.99 0.11 -10.01
N THR A 1 14.16 -0.51 3.08
CA THR A 1 14.19 -0.30 1.64
C THR A 1 13.21 0.83 1.31
N PRO A 2 13.60 1.85 0.54
CA PRO A 2 12.75 3.02 0.29
C PRO A 2 11.41 2.61 -0.35
N PHE A 3 11.46 1.64 -1.25
CA PHE A 3 10.28 1.13 -1.93
C PHE A 3 9.27 0.48 -0.97
N ALA A 4 9.69 0.08 0.23
CA ALA A 4 8.84 -0.62 1.18
C ALA A 4 7.89 0.35 1.89
N ILE A 5 7.01 0.99 1.12
CA ILE A 5 5.94 1.82 1.66
C ILE A 5 5.00 0.89 2.45
N LYS A 6 4.90 1.08 3.76
CA LYS A 6 4.14 0.18 4.64
C LYS A 6 2.63 0.27 4.38
N CYS A 7 1.91 -0.79 4.76
CA CYS A 7 0.47 -0.93 4.63
C CYS A 7 0.00 -2.00 5.62
N ALA A 8 -0.92 -1.67 6.53
CA ALA A 8 -1.46 -2.64 7.47
C ALA A 8 -2.82 -3.14 6.97
N THR A 9 -3.61 -2.20 6.45
CA THR A 9 -4.96 -2.37 5.95
C THR A 9 -4.99 -1.90 4.49
N ASP A 10 -5.81 -2.55 3.65
CA ASP A 10 -6.19 -2.05 2.34
C ASP A 10 -6.32 -0.53 2.34
N ALA A 11 -7.19 -0.01 3.22
CA ALA A 11 -7.38 1.40 3.52
C ALA A 11 -6.08 2.23 3.51
N ASP A 12 -4.99 1.78 4.15
CA ASP A 12 -3.75 2.55 4.18
C ASP A 12 -3.31 2.86 2.76
N CYS A 13 -3.13 1.80 1.97
CA CYS A 13 -2.63 1.90 0.63
C CYS A 13 -3.65 2.61 -0.26
N SER A 14 -4.92 2.22 -0.14
CA SER A 14 -6.08 2.87 -0.75
C SER A 14 -6.42 4.20 -0.06
N ARG A 15 -5.40 5.03 0.14
CA ARG A 15 -5.46 6.35 0.75
C ARG A 15 -4.12 7.04 0.51
N LYS A 16 -3.02 6.29 0.62
CA LYS A 16 -1.72 6.71 0.09
C LYS A 16 -1.80 6.90 -1.44
N CYS A 17 -2.43 5.96 -2.14
CA CYS A 17 -2.42 5.85 -3.59
C CYS A 17 -3.79 5.40 -4.10
N PRO A 18 -4.37 6.04 -5.13
CA PRO A 18 -5.74 5.82 -5.55
C PRO A 18 -5.89 4.53 -6.37
N GLY A 19 -7.13 4.14 -6.64
CA GLY A 19 -7.48 2.98 -7.46
C GLY A 19 -7.55 1.69 -6.64
N ASN A 20 -7.93 1.81 -5.36
CA ASN A 20 -7.95 0.75 -4.35
C ASN A 20 -6.83 -0.30 -4.49
N PRO A 21 -5.55 0.11 -4.46
CA PRO A 21 -4.44 -0.81 -4.33
C PRO A 21 -4.45 -1.41 -2.91
N PRO A 22 -4.34 -2.74 -2.76
CA PRO A 22 -4.36 -3.39 -1.46
C PRO A 22 -2.96 -3.39 -0.82
N CYS A 23 -2.85 -3.98 0.38
CA CYS A 23 -1.54 -4.32 0.92
C CYS A 23 -1.04 -5.58 0.20
N ARG A 24 0.12 -5.49 -0.46
CA ARG A 24 1.00 -6.64 -0.54
C ARG A 24 1.50 -6.92 0.88
N ASN A 25 0.66 -7.60 1.67
CA ASN A 25 0.88 -8.06 3.04
C ASN A 25 2.03 -7.33 3.76
N GLY A 26 1.74 -6.14 4.29
CA GLY A 26 2.73 -5.32 4.98
C GLY A 26 3.08 -4.07 4.18
N PHE A 27 2.96 -4.12 2.85
CA PHE A 27 3.46 -3.07 1.97
C PHE A 27 2.39 -2.66 0.94
N CYS A 28 2.31 -1.36 0.61
CA CYS A 28 1.27 -0.82 -0.25
C CYS A 28 1.50 -1.18 -1.72
N ALA A 29 0.60 -1.97 -2.32
CA ALA A 29 0.71 -2.37 -3.71
C ALA A 29 0.22 -1.25 -4.66
N CYS A 30 0.73 -0.03 -4.49
CA CYS A 30 0.35 1.11 -5.33
C CYS A 30 0.71 0.82 -6.79
N THR A 31 -0.15 1.26 -7.72
CA THR A 31 0.14 1.20 -9.14
C THR A 31 1.46 1.92 -9.42
N THR A 1 10.37 4.00 4.30
CA THR A 1 11.21 2.83 4.09
C THR A 1 12.03 2.96 2.80
N PRO A 2 13.18 2.27 2.71
CA PRO A 2 14.03 2.30 1.52
C PRO A 2 13.35 1.52 0.39
N PHE A 3 12.35 2.13 -0.24
CA PHE A 3 11.37 1.47 -1.08
C PHE A 3 10.47 0.57 -0.21
N ALA A 4 9.54 -0.16 -0.82
CA ALA A 4 8.55 -0.96 -0.11
C ALA A 4 7.79 -0.06 0.88
N ILE A 5 7.00 0.87 0.34
CA ILE A 5 6.24 1.82 1.15
C ILE A 5 5.34 1.05 2.11
N LYS A 6 5.40 1.37 3.41
CA LYS A 6 4.57 0.72 4.41
C LYS A 6 3.09 0.89 4.10
N CYS A 7 2.33 -0.19 4.30
CA CYS A 7 0.88 -0.19 4.43
C CYS A 7 0.56 -0.58 5.88
N ALA A 8 -0.70 -0.47 6.29
CA ALA A 8 -1.19 -0.98 7.57
C ALA A 8 -2.52 -1.70 7.32
N THR A 9 -3.59 -0.96 7.01
CA THR A 9 -4.80 -1.57 6.45
C THR A 9 -4.78 -1.36 4.93
N ASP A 10 -5.46 -2.23 4.19
CA ASP A 10 -5.72 -2.05 2.76
C ASP A 10 -6.11 -0.60 2.46
N ALA A 11 -7.15 -0.11 3.15
CA ALA A 11 -7.56 1.28 3.17
C ALA A 11 -6.38 2.26 3.16
N ASP A 12 -5.33 2.04 3.96
CA ASP A 12 -4.19 2.96 4.01
C ASP A 12 -3.45 3.03 2.68
N CYS A 13 -3.32 1.89 2.00
CA CYS A 13 -2.72 1.91 0.67
C CYS A 13 -3.69 2.56 -0.32
N SER A 14 -4.96 2.16 -0.25
CA SER A 14 -6.09 2.75 -0.97
C SER A 14 -6.45 4.13 -0.41
N ARG A 15 -5.46 5.02 -0.30
CA ARG A 15 -5.48 6.29 0.39
C ARG A 15 -4.12 6.93 0.10
N LYS A 16 -3.04 6.19 0.36
CA LYS A 16 -1.70 6.56 -0.06
C LYS A 16 -1.63 6.72 -1.58
N CYS A 17 -2.32 5.86 -2.34
CA CYS A 17 -2.32 5.91 -3.81
C CYS A 17 -3.65 5.34 -4.34
N PRO A 18 -4.17 5.85 -5.47
CA PRO A 18 -5.50 5.53 -5.96
C PRO A 18 -5.52 4.17 -6.69
N GLY A 19 -6.73 3.76 -7.11
CA GLY A 19 -6.96 2.50 -7.82
C GLY A 19 -7.22 1.33 -6.87
N ASN A 20 -7.57 1.65 -5.62
CA ASN A 20 -7.79 0.71 -4.52
C ASN A 20 -6.73 -0.40 -4.39
N PRO A 21 -5.43 -0.06 -4.40
CA PRO A 21 -4.37 -1.04 -4.14
C PRO A 21 -4.40 -1.46 -2.66
N PRO A 22 -4.21 -2.76 -2.36
CA PRO A 22 -4.20 -3.27 -1.00
C PRO A 22 -2.79 -3.29 -0.40
N CYS A 23 -2.69 -3.78 0.85
CA CYS A 23 -1.40 -4.13 1.43
C CYS A 23 -0.90 -5.45 0.84
N ARG A 24 0.11 -5.42 -0.02
CA ARG A 24 0.95 -6.60 -0.22
C ARG A 24 1.71 -6.84 1.07
N ASN A 25 1.20 -7.71 1.94
CA ASN A 25 1.92 -8.23 3.11
C ASN A 25 2.42 -7.07 3.99
N GLY A 26 1.57 -6.07 4.20
CA GLY A 26 1.89 -4.91 5.01
C GLY A 26 2.68 -3.83 4.25
N PHE A 27 2.81 -3.93 2.92
CA PHE A 27 3.45 -2.92 2.08
C PHE A 27 2.49 -2.52 0.95
N CYS A 28 2.44 -1.24 0.59
CA CYS A 28 1.37 -0.69 -0.22
C CYS A 28 1.55 -1.01 -1.70
N ALA A 29 0.66 -1.86 -2.26
CA ALA A 29 0.82 -2.38 -3.61
C ALA A 29 0.32 -1.41 -4.66
N CYS A 30 0.84 -0.17 -4.70
CA CYS A 30 0.38 0.85 -5.65
C CYS A 30 0.40 0.33 -7.10
N THR A 31 1.45 -0.42 -7.45
CA THR A 31 1.61 -1.00 -8.77
C THR A 31 2.12 -2.44 -8.62
N THR A 1 17.97 1.26 0.91
CA THR A 1 16.97 0.73 -0.01
C THR A 1 15.57 0.72 0.62
N PRO A 2 15.04 1.88 1.04
CA PRO A 2 13.81 1.97 1.83
C PRO A 2 12.55 1.82 0.97
N PHE A 3 12.51 0.84 0.06
CA PHE A 3 11.34 0.57 -0.77
C PHE A 3 10.35 -0.26 0.06
N ALA A 4 9.90 0.31 1.18
CA ALA A 4 9.13 -0.37 2.20
C ALA A 4 8.06 0.58 2.74
N ILE A 5 7.23 1.10 1.82
CA ILE A 5 6.04 1.87 2.13
C ILE A 5 5.06 0.91 2.81
N LYS A 6 4.78 1.12 4.10
CA LYS A 6 4.05 0.16 4.92
C LYS A 6 2.54 0.26 4.67
N CYS A 7 1.83 -0.83 4.98
CA CYS A 7 0.42 -1.00 4.65
C CYS A 7 -0.16 -2.13 5.49
N ALA A 8 -1.05 -1.79 6.43
CA ALA A 8 -1.81 -2.77 7.19
C ALA A 8 -2.97 -3.31 6.35
N THR A 9 -3.79 -2.40 5.79
CA THR A 9 -5.01 -2.75 5.08
C THR A 9 -5.13 -1.97 3.76
N ASP A 10 -6.11 -2.38 2.94
CA ASP A 10 -6.66 -1.61 1.82
C ASP A 10 -6.73 -0.12 2.16
N ALA A 11 -7.38 0.25 3.26
CA ALA A 11 -7.46 1.60 3.77
C ALA A 11 -6.13 2.35 3.62
N ASP A 12 -5.03 1.83 4.19
CA ASP A 12 -3.72 2.44 4.12
C ASP A 12 -3.38 2.81 2.68
N CYS A 13 -3.33 1.81 1.80
CA CYS A 13 -2.79 2.02 0.47
C CYS A 13 -3.74 2.87 -0.37
N SER A 14 -5.04 2.63 -0.27
CA SER A 14 -6.07 3.45 -0.93
C SER A 14 -5.91 4.92 -0.54
N ARG A 15 -5.81 5.21 0.77
CA ARG A 15 -5.59 6.56 1.26
C ARG A 15 -4.30 7.13 0.64
N LYS A 16 -3.21 6.36 0.69
CA LYS A 16 -1.92 6.79 0.15
C LYS A 16 -1.96 6.97 -1.39
N CYS A 17 -2.79 6.20 -2.09
CA CYS A 17 -2.78 6.10 -3.55
C CYS A 17 -4.13 5.54 -4.02
N PRO A 18 -4.94 6.32 -4.76
CA PRO A 18 -6.32 5.96 -5.06
C PRO A 18 -6.41 4.80 -6.07
N GLY A 19 -7.64 4.36 -6.34
CA GLY A 19 -7.91 3.20 -7.19
C GLY A 19 -7.72 1.91 -6.41
N ASN A 20 -8.01 1.95 -5.10
CA ASN A 20 -7.91 0.87 -4.12
C ASN A 20 -6.89 -0.22 -4.44
N PRO A 21 -5.60 0.11 -4.54
CA PRO A 21 -4.53 -0.86 -4.51
C PRO A 21 -4.54 -1.57 -3.15
N PRO A 22 -4.24 -2.88 -3.09
CA PRO A 22 -4.17 -3.61 -1.83
C PRO A 22 -2.81 -3.41 -1.15
N CYS A 23 -2.62 -4.08 -0.02
CA CYS A 23 -1.30 -4.30 0.55
C CYS A 23 -0.73 -5.56 -0.08
N ARG A 24 0.55 -5.53 -0.48
CA ARG A 24 1.38 -6.71 -0.36
C ARG A 24 1.61 -6.92 1.15
N ASN A 25 0.58 -7.44 1.83
CA ASN A 25 0.47 -7.72 3.27
C ASN A 25 1.64 -7.22 4.09
N GLY A 26 1.56 -5.97 4.59
CA GLY A 26 2.65 -5.32 5.31
C GLY A 26 3.12 -4.09 4.54
N PHE A 27 3.16 -4.17 3.21
CA PHE A 27 3.66 -3.11 2.35
C PHE A 27 2.67 -2.77 1.25
N CYS A 28 2.63 -1.51 0.82
CA CYS A 28 1.69 -1.02 -0.18
C CYS A 28 1.92 -1.73 -1.51
N ALA A 29 0.85 -2.13 -2.23
CA ALA A 29 1.03 -2.56 -3.61
C ALA A 29 1.45 -1.36 -4.46
N CYS A 30 0.61 -0.31 -4.48
CA CYS A 30 0.92 0.94 -5.18
C CYS A 30 2.18 1.55 -4.56
N THR A 31 3.31 1.38 -5.23
CA THR A 31 4.64 1.62 -4.69
C THR A 31 5.03 3.10 -4.78
N THR A 1 11.17 -2.40 -7.34
CA THR A 1 12.37 -1.74 -6.84
C THR A 1 12.59 -2.07 -5.36
N PRO A 2 13.84 -1.99 -4.86
CA PRO A 2 14.15 -2.24 -3.46
C PRO A 2 13.67 -1.06 -2.60
N PHE A 3 12.35 -0.93 -2.45
CA PHE A 3 11.71 0.07 -1.61
C PHE A 3 10.33 -0.46 -1.23
N ALA A 4 9.70 0.11 -0.20
CA ALA A 4 8.45 -0.40 0.35
C ALA A 4 7.74 0.67 1.17
N ILE A 5 6.64 1.20 0.64
CA ILE A 5 5.67 1.99 1.39
C ILE A 5 4.87 1.00 2.26
N LYS A 6 4.56 1.36 3.52
CA LYS A 6 3.92 0.45 4.46
C LYS A 6 2.40 0.37 4.20
N CYS A 7 1.75 -0.69 4.69
CA CYS A 7 0.32 -0.93 4.55
C CYS A 7 -0.12 -2.01 5.54
N ALA A 8 -1.03 -1.68 6.46
CA ALA A 8 -1.62 -2.66 7.37
C ALA A 8 -2.98 -3.11 6.84
N THR A 9 -3.73 -2.14 6.30
CA THR A 9 -5.08 -2.27 5.79
C THR A 9 -5.08 -1.74 4.35
N ASP A 10 -5.91 -2.32 3.48
CA ASP A 10 -6.24 -1.80 2.16
C ASP A 10 -6.30 -0.27 2.19
N ALA A 11 -7.16 0.28 3.05
CA ALA A 11 -7.27 1.69 3.41
C ALA A 11 -5.94 2.46 3.40
N ASP A 12 -4.88 1.96 4.02
CA ASP A 12 -3.59 2.66 4.09
C ASP A 12 -3.08 2.95 2.68
N CYS A 13 -2.99 1.90 1.89
CA CYS A 13 -2.48 1.98 0.53
C CYS A 13 -3.44 2.78 -0.33
N SER A 14 -4.74 2.47 -0.21
CA SER A 14 -5.88 3.12 -0.85
C SER A 14 -6.16 4.50 -0.26
N ARG A 15 -5.12 5.33 -0.12
CA ARG A 15 -5.12 6.60 0.58
C ARG A 15 -3.76 7.24 0.30
N LYS A 16 -2.67 6.49 0.56
CA LYS A 16 -1.36 6.89 0.11
C LYS A 16 -1.34 7.00 -1.42
N CYS A 17 -2.05 6.10 -2.12
CA CYS A 17 -2.16 6.04 -3.57
C CYS A 17 -3.62 5.70 -3.95
N PRO A 18 -4.16 6.28 -5.03
CA PRO A 18 -5.56 6.09 -5.42
C PRO A 18 -5.77 4.73 -6.10
N GLY A 19 -7.04 4.42 -6.41
CA GLY A 19 -7.42 3.25 -7.21
C GLY A 19 -7.47 1.95 -6.40
N ASN A 20 -7.44 2.06 -5.07
CA ASN A 20 -7.46 0.95 -4.12
C ASN A 20 -6.63 -0.28 -4.51
N PRO A 21 -5.32 -0.13 -4.74
CA PRO A 21 -4.39 -1.24 -4.66
C PRO A 21 -4.31 -1.71 -3.20
N PRO A 22 -4.27 -3.03 -2.93
CA PRO A 22 -4.31 -3.57 -1.58
C PRO A 22 -2.92 -3.55 -0.92
N CYS A 23 -2.83 -4.12 0.29
CA CYS A 23 -1.55 -4.40 0.90
C CYS A 23 -0.94 -5.65 0.26
N ARG A 24 0.26 -5.53 -0.29
CA ARG A 24 1.23 -6.62 -0.28
C ARG A 24 1.60 -6.85 1.19
N ASN A 25 0.68 -7.48 1.93
CA ASN A 25 0.72 -7.80 3.36
C ASN A 25 1.89 -7.16 4.12
N GLY A 26 1.70 -5.92 4.59
CA GLY A 26 2.74 -5.14 5.25
C GLY A 26 3.08 -3.90 4.43
N PHE A 27 2.97 -3.99 3.09
CA PHE A 27 3.46 -2.97 2.18
C PHE A 27 2.41 -2.63 1.12
N CYS A 28 2.33 -1.37 0.69
CA CYS A 28 1.30 -0.87 -0.21
C CYS A 28 1.56 -1.33 -1.65
N ALA A 29 0.69 -2.16 -2.23
CA ALA A 29 0.92 -2.73 -3.55
C ALA A 29 0.57 -1.75 -4.68
N CYS A 30 0.88 -0.46 -4.53
CA CYS A 30 0.63 0.54 -5.55
C CYS A 30 1.82 0.61 -6.51
N THR A 31 3.01 0.81 -5.97
CA THR A 31 4.27 0.84 -6.71
C THR A 31 5.36 0.23 -5.84
#